data_1TTJ
#
_entry.id   1TTJ
#
_cell.length_a   47.060
_cell.length_b   39.330
_cell.length_c   68.320
_cell.angle_alpha   90.00
_cell.angle_beta   117.49
_cell.angle_gamma   90.00
#
_symmetry.space_group_name_H-M   'P 1 21 1'
#
loop_
_entity.id
_entity.type
_entity.pdbx_description
1 polymer 'TRIOSEPHOSPHATE ISOMERASE'
2 non-polymer 'PHOSPHOGLYCOLOHYDROXAMIC ACID'
3 water water
#
_entity_poly.entity_id   1
_entity_poly.type   'polypeptide(L)'
_entity_poly.pdbx_seq_one_letter_code
;MSKPQPIAAANWKCNGSQQSLSELIDLFNSTSINHDVQCVVASTSSHLAMTKERLSHPKFVIAAQNAGNADALASLKDFG
VNWIVLGHSERRAYYGETNEIVADKVAAAVASGFMVIACIGETLQERESGRTAVVVLTQIAAIAKKLKKADWAKVVIAYE
PVWAIGTGKVATPQQAQEAHALIRSWVSSKIGADVAGELRILYGGSVNGKNARTLYQQRDVNGFLVGGASLKPEFVDIIK
ATQ
;
_entity_poly.pdbx_strand_id   A
#
loop_
_chem_comp.id
_chem_comp.type
_chem_comp.name
_chem_comp.formula
PGH non-polymer 'PHOSPHOGLYCOLOHYDROXAMIC ACID' 'C2 H6 N O6 P'
#
# COMPACT_ATOMS: atom_id res chain seq x y z
N SER A 2 7.32 18.25 6.92
CA SER A 2 5.99 18.06 6.35
C SER A 2 5.63 16.58 6.26
N LYS A 3 5.47 16.11 5.03
CA LYS A 3 5.14 14.73 4.81
C LYS A 3 6.34 13.84 4.93
N PRO A 4 6.10 12.64 5.41
CA PRO A 4 7.16 11.67 5.52
C PRO A 4 7.48 11.20 4.09
N GLN A 5 8.55 10.43 3.93
CA GLN A 5 8.90 9.92 2.62
C GLN A 5 7.72 9.18 1.99
N PRO A 6 7.48 9.53 0.73
CA PRO A 6 6.38 8.99 -0.03
C PRO A 6 6.69 7.67 -0.68
N ILE A 7 5.65 6.88 -0.90
CA ILE A 7 5.80 5.62 -1.58
C ILE A 7 4.96 5.57 -2.83
N ALA A 8 5.52 4.91 -3.87
CA ALA A 8 4.87 4.67 -5.15
C ALA A 8 4.92 3.18 -5.42
N ALA A 9 3.84 2.49 -5.15
CA ALA A 9 3.81 1.03 -5.27
C ALA A 9 3.04 0.48 -6.44
N ALA A 10 3.65 -0.47 -7.13
CA ALA A 10 3.07 -1.16 -8.26
C ALA A 10 2.63 -2.55 -7.86
N ASN A 11 1.36 -2.81 -8.06
CA ASN A 11 0.74 -4.04 -7.70
C ASN A 11 0.55 -4.94 -8.92
N TRP A 12 1.45 -5.86 -9.17
CA TRP A 12 1.33 -6.66 -10.37
C TRP A 12 0.47 -7.89 -10.18
N SER A 20 5.99 -7.72 -21.88
CA SER A 20 5.86 -6.33 -21.47
C SER A 20 6.38 -6.06 -20.06
N LEU A 21 6.21 -7.05 -19.16
CA LEU A 21 6.72 -6.95 -17.79
C LEU A 21 8.22 -6.58 -17.81
N SER A 22 9.01 -7.25 -18.67
CA SER A 22 10.43 -6.95 -18.81
C SER A 22 10.63 -5.56 -19.41
N GLU A 23 9.72 -5.19 -20.32
CA GLU A 23 9.72 -3.90 -20.95
C GLU A 23 9.52 -2.84 -19.91
N LEU A 24 8.69 -3.13 -18.96
CA LEU A 24 8.44 -2.16 -17.93
C LEU A 24 9.63 -2.05 -17.02
N ILE A 25 10.19 -3.21 -16.68
CA ILE A 25 11.39 -3.27 -15.83
C ILE A 25 12.53 -2.50 -16.49
N ASP A 26 12.74 -2.74 -17.77
CA ASP A 26 13.74 -1.99 -18.49
C ASP A 26 13.53 -0.49 -18.38
N LEU A 27 12.26 -0.09 -18.52
CA LEU A 27 11.81 1.30 -18.48
C LEU A 27 12.04 1.89 -17.13
N PHE A 28 11.80 1.09 -16.12
CA PHE A 28 12.00 1.54 -14.77
C PHE A 28 13.46 1.77 -14.52
N ASN A 29 14.28 0.79 -14.95
CA ASN A 29 15.73 0.81 -14.79
C ASN A 29 16.42 2.03 -15.42
N SER A 30 15.88 2.50 -16.56
CA SER A 30 16.39 3.64 -17.32
C SER A 30 15.92 4.96 -16.79
N THR A 31 14.92 4.88 -15.91
CA THR A 31 14.26 6.03 -15.33
C THR A 31 14.97 6.67 -14.20
N SER A 32 15.20 7.96 -14.33
CA SER A 32 15.84 8.77 -13.31
C SER A 32 14.83 9.35 -12.34
N ILE A 33 15.00 9.09 -11.08
CA ILE A 33 14.10 9.64 -10.11
C ILE A 33 14.92 10.56 -9.27
N ASN A 34 14.58 11.78 -9.19
CA ASN A 34 15.47 12.62 -8.44
C ASN A 34 15.02 13.04 -7.06
N HIS A 35 13.80 12.72 -6.68
CA HIS A 35 13.41 13.10 -5.35
C HIS A 35 13.38 11.91 -4.45
N ASP A 36 13.17 12.19 -3.17
CA ASP A 36 13.10 11.17 -2.14
C ASP A 36 11.78 10.43 -2.19
N VAL A 37 11.80 9.34 -2.87
CA VAL A 37 10.61 8.55 -2.95
C VAL A 37 11.00 7.10 -2.90
N GLN A 38 10.16 6.29 -2.23
CA GLN A 38 10.39 4.87 -2.20
C GLN A 38 9.47 4.18 -3.18
N CYS A 39 10.04 3.52 -4.18
CA CYS A 39 9.25 2.79 -5.14
C CYS A 39 9.22 1.33 -4.79
N VAL A 40 8.07 0.73 -5.04
CA VAL A 40 7.89 -0.67 -4.74
C VAL A 40 7.20 -1.40 -5.87
N VAL A 41 7.62 -2.64 -6.10
CA VAL A 41 6.98 -3.51 -7.07
C VAL A 41 6.52 -4.82 -6.38
N ALA A 42 5.20 -4.99 -6.20
CA ALA A 42 4.66 -6.21 -5.55
C ALA A 42 4.31 -7.24 -6.59
N SER A 43 4.82 -8.46 -6.45
CA SER A 43 4.52 -9.45 -7.45
C SER A 43 4.06 -10.78 -6.92
N THR A 44 3.54 -11.58 -7.86
CA THR A 44 3.14 -12.94 -7.61
C THR A 44 4.41 -13.74 -7.60
N SER A 45 4.40 -14.83 -6.88
CA SER A 45 5.58 -15.67 -6.79
C SER A 45 6.05 -16.06 -8.16
N SER A 46 5.07 -16.19 -9.05
CA SER A 46 5.30 -16.54 -10.42
C SER A 46 6.38 -15.70 -11.04
N HIS A 47 6.25 -14.38 -10.88
CA HIS A 47 7.20 -13.43 -11.44
C HIS A 47 8.18 -12.84 -10.42
N LEU A 48 8.14 -13.36 -9.20
CA LEU A 48 9.04 -12.89 -8.16
C LEU A 48 10.50 -12.94 -8.60
N ALA A 49 10.99 -14.12 -8.95
CA ALA A 49 12.38 -14.27 -9.39
C ALA A 49 12.79 -13.31 -10.49
N MET A 50 12.00 -13.26 -11.56
CA MET A 50 12.33 -12.38 -12.66
C MET A 50 12.55 -10.99 -12.21
N THR A 51 11.53 -10.44 -11.61
CA THR A 51 11.59 -9.10 -11.13
C THR A 51 12.76 -8.93 -10.23
N LYS A 52 12.93 -9.92 -9.40
CA LYS A 52 14.00 -9.96 -8.45
C LYS A 52 15.34 -9.74 -9.11
N GLU A 53 15.56 -10.35 -10.27
CA GLU A 53 16.83 -10.17 -10.91
C GLU A 53 16.93 -9.22 -12.09
N ARG A 54 15.79 -8.78 -12.63
CA ARG A 54 15.80 -7.82 -13.73
C ARG A 54 15.83 -6.37 -13.21
N LEU A 55 15.05 -6.15 -12.16
CA LEU A 55 14.94 -4.86 -11.49
C LEU A 55 16.23 -4.50 -10.77
N SER A 56 16.85 -3.39 -11.17
CA SER A 56 18.11 -2.96 -10.53
C SER A 56 18.12 -1.49 -10.06
N HIS A 57 17.00 -0.79 -10.23
CA HIS A 57 16.94 0.59 -9.80
C HIS A 57 17.10 0.72 -8.29
N PRO A 58 17.95 1.64 -7.89
CA PRO A 58 18.26 1.90 -6.50
C PRO A 58 17.06 2.32 -5.68
N LYS A 59 16.17 3.09 -6.28
CA LYS A 59 14.98 3.49 -5.54
C LYS A 59 13.82 2.46 -5.54
N PHE A 60 14.02 1.31 -6.17
CA PHE A 60 12.98 0.29 -6.16
C PHE A 60 13.30 -0.85 -5.24
N VAL A 61 12.25 -1.40 -4.73
CA VAL A 61 12.26 -2.52 -3.83
C VAL A 61 11.16 -3.51 -4.30
N ILE A 62 11.33 -4.78 -4.06
CA ILE A 62 10.29 -5.69 -4.47
C ILE A 62 9.51 -6.18 -3.27
N ALA A 63 8.25 -6.46 -3.50
CA ALA A 63 7.42 -6.90 -2.43
C ALA A 63 6.66 -8.12 -2.82
N ALA A 64 6.38 -8.96 -1.84
CA ALA A 64 5.58 -10.14 -2.09
C ALA A 64 4.12 -9.82 -1.79
N GLN A 65 3.25 -10.66 -2.33
CA GLN A 65 1.81 -10.47 -2.18
C GLN A 65 1.20 -11.28 -1.06
N ASN A 66 1.75 -12.40 -0.76
CA ASN A 66 1.20 -13.19 0.31
C ASN A 66 2.14 -14.28 0.81
N ALA A 67 2.01 -14.58 2.10
CA ALA A 67 2.82 -15.61 2.74
C ALA A 67 1.92 -16.53 3.53
N GLY A 68 1.87 -17.77 3.10
CA GLY A 68 1.02 -18.70 3.80
C GLY A 68 1.35 -18.82 5.29
N ASN A 69 2.60 -19.12 5.59
CA ASN A 69 3.00 -19.34 6.95
C ASN A 69 4.46 -19.02 7.21
N ALA A 70 4.87 -19.45 8.42
CA ALA A 70 6.20 -19.23 8.90
C ALA A 70 7.23 -19.69 7.91
N ASP A 71 7.02 -20.86 7.37
CA ASP A 71 7.99 -21.34 6.45
C ASP A 71 8.06 -20.44 5.24
N ALA A 72 6.90 -19.96 4.80
CA ALA A 72 6.83 -19.12 3.65
C ALA A 72 7.49 -17.80 3.88
N LEU A 73 7.30 -17.26 5.07
CA LEU A 73 7.91 -16.00 5.42
C LEU A 73 9.42 -16.10 5.46
N ALA A 74 9.93 -17.24 5.91
CA ALA A 74 11.39 -17.47 6.00
C ALA A 74 12.04 -17.54 4.64
N SER A 75 11.40 -18.28 3.76
CA SER A 75 11.92 -18.45 2.43
C SER A 75 11.97 -17.15 1.66
N LEU A 76 11.03 -16.25 1.97
CA LEU A 76 11.02 -14.96 1.33
C LEU A 76 12.26 -14.20 1.67
N LYS A 77 12.55 -14.19 2.95
CA LYS A 77 13.71 -13.55 3.50
C LYS A 77 14.98 -14.13 2.89
N ASP A 78 15.03 -15.44 2.83
CA ASP A 78 16.17 -16.08 2.24
C ASP A 78 16.38 -15.61 0.83
N PHE A 79 15.29 -15.19 0.21
CA PHE A 79 15.30 -14.76 -1.15
C PHE A 79 15.56 -13.28 -1.29
N GLY A 80 15.62 -12.56 -0.19
CA GLY A 80 15.86 -11.12 -0.28
C GLY A 80 14.59 -10.22 -0.34
N VAL A 81 13.41 -10.80 -0.21
CA VAL A 81 12.22 -9.98 -0.23
C VAL A 81 11.92 -9.55 1.17
N ASN A 82 11.94 -8.24 1.37
CA ASN A 82 11.71 -7.68 2.70
C ASN A 82 10.41 -6.91 2.87
N TRP A 83 9.63 -6.89 1.84
CA TRP A 83 8.37 -6.18 1.91
C TRP A 83 7.22 -7.09 1.58
N ILE A 84 6.04 -6.79 2.13
CA ILE A 84 4.83 -7.60 1.86
C ILE A 84 3.54 -6.80 1.90
N VAL A 85 2.62 -7.13 0.95
CA VAL A 85 1.30 -6.51 0.82
C VAL A 85 0.22 -7.41 1.47
N LEU A 86 -0.47 -6.86 2.49
CA LEU A 86 -1.46 -7.65 3.18
C LEU A 86 -2.79 -7.02 3.29
N GLY A 87 -3.80 -7.88 3.21
CA GLY A 87 -5.16 -7.43 3.35
C GLY A 87 -5.75 -6.84 2.09
N HIS A 88 -5.19 -7.21 0.94
CA HIS A 88 -5.71 -6.69 -0.32
C HIS A 88 -7.14 -7.19 -0.53
N SER A 89 -7.97 -6.31 -1.09
CA SER A 89 -9.37 -6.54 -1.30
C SER A 89 -9.76 -7.92 -1.74
N GLU A 90 -9.08 -8.52 -2.72
CA GLU A 90 -9.52 -9.86 -3.09
C GLU A 90 -9.27 -10.91 -2.02
N ARG A 91 -8.35 -10.63 -1.13
CA ARG A 91 -8.11 -11.56 -0.06
C ARG A 91 -9.28 -11.57 0.93
N ARG A 92 -9.74 -10.38 1.25
CA ARG A 92 -10.82 -10.19 2.17
C ARG A 92 -12.12 -10.71 1.60
N ALA A 93 -12.25 -10.59 0.27
CA ALA A 93 -13.46 -11.03 -0.40
C ALA A 93 -13.49 -12.49 -0.66
N TYR A 94 -12.47 -13.02 -1.28
CA TYR A 94 -12.51 -14.42 -1.62
C TYR A 94 -11.54 -15.34 -0.94
N TYR A 95 -10.85 -14.90 0.09
CA TYR A 95 -9.91 -15.85 0.66
C TYR A 95 -10.11 -16.10 2.12
N GLY A 96 -11.31 -15.74 2.61
CA GLY A 96 -11.67 -15.95 4.00
C GLY A 96 -10.90 -15.07 4.96
N GLU A 97 -10.28 -14.02 4.45
CA GLU A 97 -9.52 -13.15 5.32
C GLU A 97 -10.29 -12.03 5.96
N THR A 98 -10.66 -12.27 7.19
CA THR A 98 -11.39 -11.33 7.99
C THR A 98 -10.45 -10.26 8.54
N ASN A 99 -11.04 -9.29 9.21
CA ASN A 99 -10.29 -8.23 9.80
C ASN A 99 -9.23 -8.74 10.71
N GLU A 100 -9.62 -9.70 11.54
CA GLU A 100 -8.77 -10.31 12.54
C GLU A 100 -7.64 -11.14 11.95
N ILE A 101 -7.96 -11.88 10.90
CA ILE A 101 -7.01 -12.67 10.19
C ILE A 101 -5.96 -11.77 9.58
N VAL A 102 -6.40 -10.63 9.02
CA VAL A 102 -5.41 -9.76 8.45
C VAL A 102 -4.50 -9.19 9.49
N ALA A 103 -5.09 -8.82 10.62
CA ALA A 103 -4.34 -8.23 11.73
C ALA A 103 -3.22 -9.16 12.20
N ASP A 104 -3.57 -10.46 12.35
CA ASP A 104 -2.67 -11.54 12.74
C ASP A 104 -1.55 -11.73 11.73
N LYS A 105 -1.89 -11.64 10.44
CA LYS A 105 -0.94 -11.76 9.34
C LYS A 105 0.03 -10.57 9.34
N VAL A 106 -0.51 -9.39 9.59
CA VAL A 106 0.29 -8.20 9.68
C VAL A 106 1.32 -8.34 10.80
N ALA A 107 0.86 -8.81 11.96
CA ALA A 107 1.74 -9.01 13.10
C ALA A 107 2.81 -10.07 12.87
N ALA A 108 2.44 -11.16 12.23
CA ALA A 108 3.42 -12.21 11.98
C ALA A 108 4.47 -11.73 11.02
N ALA A 109 4.08 -10.85 10.10
CA ALA A 109 5.04 -10.36 9.13
C ALA A 109 6.01 -9.44 9.82
N VAL A 110 5.44 -8.58 10.67
CA VAL A 110 6.25 -7.69 11.44
C VAL A 110 7.26 -8.43 12.32
N ALA A 111 6.80 -9.47 12.97
CA ALA A 111 7.63 -10.26 13.87
C ALA A 111 8.81 -10.86 13.16
N SER A 112 8.67 -11.04 11.83
CA SER A 112 9.79 -11.57 11.04
C SER A 112 10.64 -10.49 10.37
N GLY A 113 10.54 -9.25 10.87
CA GLY A 113 11.34 -8.15 10.32
C GLY A 113 10.93 -7.69 8.93
N PHE A 114 9.64 -7.79 8.63
CA PHE A 114 9.13 -7.37 7.34
C PHE A 114 8.62 -5.94 7.36
N MET A 115 8.61 -5.31 6.19
CA MET A 115 8.00 -3.98 6.04
C MET A 115 6.67 -4.32 5.42
N VAL A 116 5.60 -3.85 6.04
CA VAL A 116 4.27 -4.20 5.63
C VAL A 116 3.42 -3.08 5.12
N ILE A 117 2.66 -3.41 4.07
CA ILE A 117 1.65 -2.55 3.49
C ILE A 117 0.29 -3.20 3.72
N ALA A 118 -0.40 -2.72 4.74
CA ALA A 118 -1.69 -3.24 5.10
C ALA A 118 -2.82 -2.44 4.43
N CYS A 119 -3.66 -3.12 3.69
CA CYS A 119 -4.72 -2.46 3.00
C CYS A 119 -6.04 -2.45 3.74
N ILE A 120 -6.75 -1.33 3.67
CA ILE A 120 -8.06 -1.17 4.28
C ILE A 120 -8.98 -0.43 3.28
N GLY A 121 -10.27 -0.40 3.55
CA GLY A 121 -11.18 0.30 2.65
C GLY A 121 -12.59 -0.29 2.61
N GLU A 122 -13.57 0.57 2.46
CA GLU A 122 -14.99 0.21 2.41
C GLU A 122 -15.49 -0.23 1.01
N THR A 123 -16.64 -0.89 1.02
CA THR A 123 -17.32 -1.34 -0.19
C THR A 123 -18.28 -0.23 -0.61
N LEU A 124 -18.79 -0.33 -1.82
CA LEU A 124 -19.76 0.66 -2.28
C LEU A 124 -20.95 0.70 -1.34
N GLN A 125 -21.38 -0.51 -0.97
CA GLN A 125 -22.49 -0.67 -0.09
C GLN A 125 -22.21 0.01 1.22
N GLU A 126 -21.03 -0.21 1.77
CA GLU A 126 -20.74 0.44 3.01
C GLU A 126 -20.71 1.93 2.84
N ARG A 127 -20.23 2.35 1.67
CA ARG A 127 -20.13 3.76 1.34
C ARG A 127 -21.51 4.43 1.17
N GLU A 128 -22.45 3.71 0.52
CA GLU A 128 -23.82 4.22 0.34
C GLU A 128 -24.58 4.30 1.66
N SER A 129 -24.39 3.26 2.47
CA SER A 129 -25.00 3.13 3.79
C SER A 129 -24.48 4.15 4.79
N GLY A 130 -23.59 5.04 4.33
CA GLY A 130 -22.98 6.05 5.19
C GLY A 130 -22.20 5.43 6.36
N ARG A 131 -21.58 4.25 6.12
CA ARG A 131 -20.84 3.49 7.13
C ARG A 131 -19.28 3.51 6.96
N THR A 132 -18.79 4.32 6.05
CA THR A 132 -17.37 4.40 5.77
C THR A 132 -16.44 4.53 6.98
N ALA A 133 -16.65 5.55 7.75
CA ALA A 133 -15.79 5.81 8.88
C ALA A 133 -15.73 4.62 9.82
N VAL A 134 -16.86 4.09 10.13
CA VAL A 134 -16.84 2.98 11.04
C VAL A 134 -16.12 1.79 10.49
N VAL A 135 -16.36 1.48 9.24
CA VAL A 135 -15.73 0.35 8.61
C VAL A 135 -14.23 0.51 8.69
N VAL A 136 -13.81 1.67 8.33
CA VAL A 136 -12.41 1.97 8.27
C VAL A 136 -11.76 1.95 9.62
N LEU A 137 -12.46 2.48 10.58
CA LEU A 137 -11.88 2.49 11.86
C LEU A 137 -11.83 1.10 12.47
N THR A 138 -12.82 0.32 12.13
CA THR A 138 -12.91 -1.03 12.61
C THR A 138 -11.76 -1.84 12.06
N GLN A 139 -11.45 -1.66 10.77
CA GLN A 139 -10.37 -2.42 10.13
C GLN A 139 -9.01 -2.06 10.67
N ILE A 140 -8.78 -0.76 10.87
CA ILE A 140 -7.51 -0.31 11.39
C ILE A 140 -7.36 -0.70 12.88
N ALA A 141 -8.45 -0.53 13.62
CA ALA A 141 -8.40 -0.87 15.01
C ALA A 141 -7.99 -2.32 15.24
N ALA A 142 -8.49 -3.24 14.41
CA ALA A 142 -8.15 -4.67 14.53
C ALA A 142 -6.68 -4.91 14.25
N ILE A 143 -6.11 -4.02 13.44
CA ILE A 143 -4.71 -4.08 13.11
C ILE A 143 -3.94 -3.64 14.33
N ALA A 144 -4.26 -2.44 14.80
CA ALA A 144 -3.63 -1.83 15.96
C ALA A 144 -3.65 -2.71 17.21
N LYS A 145 -4.61 -3.61 17.30
CA LYS A 145 -4.74 -4.48 18.46
C LYS A 145 -3.57 -5.41 18.65
N LYS A 146 -2.90 -5.79 17.57
CA LYS A 146 -1.80 -6.73 17.65
C LYS A 146 -0.39 -6.11 17.48
N LEU A 147 -0.31 -4.79 17.35
CA LEU A 147 0.95 -4.11 17.23
C LEU A 147 1.25 -3.33 18.49
N LYS A 148 2.51 -3.07 18.69
CA LYS A 148 2.93 -2.24 19.80
C LYS A 148 3.52 -1.02 19.18
N LYS A 149 3.54 0.10 19.89
CA LYS A 149 4.02 1.39 19.36
C LYS A 149 5.24 1.32 18.46
N ALA A 150 6.22 0.56 18.86
CA ALA A 150 7.42 0.47 18.08
C ALA A 150 7.22 -0.21 16.72
N ASP A 151 6.23 -1.11 16.63
CA ASP A 151 5.96 -1.85 15.40
C ASP A 151 5.48 -0.98 14.26
N TRP A 152 4.88 0.14 14.61
CA TRP A 152 4.35 1.04 13.61
C TRP A 152 5.38 1.57 12.64
N ALA A 153 6.64 1.43 13.00
CA ALA A 153 7.68 1.90 12.11
C ALA A 153 7.78 0.99 10.90
N LYS A 154 7.16 -0.19 11.03
CA LYS A 154 7.22 -1.14 9.96
C LYS A 154 5.97 -1.24 9.11
N VAL A 155 4.96 -0.45 9.45
CA VAL A 155 3.68 -0.46 8.78
C VAL A 155 3.44 0.70 7.83
N VAL A 156 2.74 0.38 6.76
CA VAL A 156 2.31 1.38 5.82
C VAL A 156 0.82 1.13 5.56
N ILE A 157 -0.01 2.17 5.70
CA ILE A 157 -1.43 1.98 5.49
C ILE A 157 -1.83 2.39 4.09
N ALA A 158 -2.47 1.45 3.39
CA ALA A 158 -2.99 1.70 2.07
C ALA A 158 -4.52 1.76 2.15
N TYR A 159 -5.09 2.94 1.96
CA TYR A 159 -6.52 3.10 2.00
C TYR A 159 -7.04 2.94 0.57
N GLU A 160 -7.88 1.92 0.34
CA GLU A 160 -8.39 1.64 -1.02
C GLU A 160 -9.91 1.35 -1.07
N PRO A 161 -10.72 2.32 -1.53
CA PRO A 161 -12.15 2.07 -1.62
C PRO A 161 -12.33 0.95 -2.58
N VAL A 162 -13.02 -0.08 -2.13
CA VAL A 162 -13.19 -1.23 -2.97
C VAL A 162 -13.80 -0.87 -4.32
N TRP A 163 -14.72 0.09 -4.30
CA TRP A 163 -15.42 0.53 -5.49
C TRP A 163 -14.49 1.28 -6.44
N ALA A 164 -13.30 1.58 -6.00
CA ALA A 164 -12.40 2.28 -6.87
C ALA A 164 -11.33 1.39 -7.48
N ILE A 165 -11.23 0.18 -6.98
CA ILE A 165 -10.22 -0.74 -7.43
C ILE A 165 -10.48 -1.40 -8.78
N GLY A 166 -9.78 -0.93 -9.80
CA GLY A 166 -9.91 -1.53 -11.14
C GLY A 166 -11.13 -1.12 -11.93
N THR A 167 -11.96 -0.26 -11.33
CA THR A 167 -13.22 0.19 -11.87
C THR A 167 -13.17 1.39 -12.82
N GLY A 168 -12.18 2.26 -12.70
CA GLY A 168 -12.13 3.45 -13.56
C GLY A 168 -12.81 4.60 -12.83
N LYS A 169 -13.34 4.28 -11.65
CA LYS A 169 -14.01 5.23 -10.78
C LYS A 169 -13.15 5.60 -9.57
N VAL A 170 -12.29 6.57 -9.77
CA VAL A 170 -11.38 7.02 -8.74
C VAL A 170 -12.03 7.93 -7.73
N ALA A 171 -11.52 7.90 -6.52
CA ALA A 171 -12.05 8.76 -5.50
C ALA A 171 -11.66 10.20 -5.77
N THR A 172 -12.56 11.12 -5.52
CA THR A 172 -12.17 12.46 -5.74
C THR A 172 -11.17 12.76 -4.69
N PRO A 173 -10.44 13.83 -4.88
CA PRO A 173 -9.44 14.16 -3.94
C PRO A 173 -10.02 14.46 -2.60
N GLN A 174 -11.23 14.97 -2.59
CA GLN A 174 -11.86 15.30 -1.34
C GLN A 174 -12.21 14.05 -0.58
N GLN A 175 -12.58 13.01 -1.30
CA GLN A 175 -12.93 11.77 -0.68
C GLN A 175 -11.71 11.17 -0.02
N ALA A 176 -10.67 11.03 -0.84
CA ALA A 176 -9.42 10.48 -0.36
C ALA A 176 -8.93 11.14 0.94
N GLN A 177 -8.76 12.47 0.87
CA GLN A 177 -8.27 13.24 1.97
C GLN A 177 -9.11 13.08 3.22
N GLU A 178 -10.41 12.97 3.04
CA GLU A 178 -11.30 12.81 4.16
C GLU A 178 -11.05 11.47 4.83
N ALA A 179 -10.84 10.47 4.00
CA ALA A 179 -10.56 9.17 4.47
C ALA A 179 -9.22 9.14 5.19
N HIS A 180 -8.18 9.65 4.53
CA HIS A 180 -6.82 9.67 5.10
C HIS A 180 -6.74 10.44 6.43
N ALA A 181 -7.41 11.57 6.47
CA ALA A 181 -7.42 12.41 7.66
C ALA A 181 -8.07 11.71 8.85
N LEU A 182 -9.10 10.95 8.58
CA LEU A 182 -9.84 10.21 9.58
C LEU A 182 -8.91 9.18 10.23
N ILE A 183 -8.24 8.41 9.37
CA ILE A 183 -7.30 7.39 9.76
C ILE A 183 -6.18 7.94 10.63
N ARG A 184 -5.59 9.05 10.15
CA ARG A 184 -4.51 9.68 10.86
C ARG A 184 -4.89 10.20 12.21
N SER A 185 -6.06 10.83 12.28
CA SER A 185 -6.50 11.33 13.57
C SER A 185 -6.71 10.18 14.56
N TRP A 186 -7.26 9.09 14.08
CA TRP A 186 -7.46 7.99 14.97
C TRP A 186 -6.12 7.47 15.42
N VAL A 187 -5.18 7.40 14.48
CA VAL A 187 -3.86 6.92 14.85
C VAL A 187 -3.27 7.84 15.89
N SER A 188 -3.27 9.11 15.58
CA SER A 188 -2.77 10.07 16.49
C SER A 188 -3.42 10.03 17.88
N SER A 189 -4.70 9.74 17.95
CA SER A 189 -5.35 9.73 19.25
C SER A 189 -5.23 8.43 20.01
N LYS A 190 -5.23 7.32 19.28
CA LYS A 190 -5.14 6.04 19.90
C LYS A 190 -3.71 5.58 20.10
N ILE A 191 -2.84 5.99 19.20
CA ILE A 191 -1.47 5.56 19.32
C ILE A 191 -0.50 6.64 19.75
N GLY A 192 -0.55 7.77 19.09
CA GLY A 192 0.37 8.85 19.43
C GLY A 192 0.71 9.73 18.24
N ALA A 193 0.85 11.02 18.53
CA ALA A 193 1.14 12.04 17.54
C ALA A 193 2.43 11.78 16.75
N ASP A 194 3.43 11.25 17.44
CA ASP A 194 4.68 10.98 16.78
C ASP A 194 4.54 9.91 15.71
N VAL A 195 3.80 8.87 16.04
CA VAL A 195 3.56 7.79 15.13
C VAL A 195 2.78 8.29 13.94
N ALA A 196 1.68 8.92 14.28
CA ALA A 196 0.79 9.50 13.32
C ALA A 196 1.56 10.35 12.31
N GLY A 197 2.39 11.23 12.87
CA GLY A 197 3.13 12.15 12.09
C GLY A 197 4.03 11.46 11.13
N GLU A 198 4.44 10.27 11.48
CA GLU A 198 5.38 9.58 10.64
C GLU A 198 4.78 8.60 9.68
N LEU A 199 3.55 8.26 9.91
CA LEU A 199 2.87 7.27 9.11
C LEU A 199 2.56 7.67 7.68
N ARG A 200 2.88 6.76 6.77
CA ARG A 200 2.57 6.91 5.35
C ARG A 200 1.22 6.29 5.07
N ILE A 201 0.28 7.12 4.67
CA ILE A 201 -1.03 6.60 4.31
C ILE A 201 -1.20 6.77 2.81
N LEU A 202 -1.13 5.66 2.07
CA LEU A 202 -1.26 5.64 0.61
C LEU A 202 -2.72 5.54 0.18
N TYR A 203 -2.95 6.08 -1.02
CA TYR A 203 -4.25 6.00 -1.65
C TYR A 203 -4.16 4.99 -2.80
N GLY A 204 -5.20 4.18 -2.97
CA GLY A 204 -5.18 3.20 -4.04
C GLY A 204 -6.55 3.04 -4.67
N GLY A 205 -6.60 2.80 -5.95
CA GLY A 205 -7.89 2.63 -6.60
C GLY A 205 -8.04 3.56 -7.77
N SER A 206 -7.70 3.03 -8.94
CA SER A 206 -7.78 3.72 -10.22
C SER A 206 -6.95 4.95 -10.35
N VAL A 207 -5.83 4.98 -9.67
CA VAL A 207 -4.97 6.09 -9.84
C VAL A 207 -4.39 5.98 -11.24
N ASN A 208 -4.19 7.10 -11.90
CA ASN A 208 -3.54 7.09 -13.22
C ASN A 208 -2.61 8.29 -13.27
N GLY A 209 -1.93 8.46 -14.40
CA GLY A 209 -1.01 9.58 -14.63
C GLY A 209 -1.67 10.98 -14.60
N LYS A 210 -2.93 11.07 -14.98
CA LYS A 210 -3.61 12.36 -14.97
C LYS A 210 -4.19 12.71 -13.62
N ASN A 211 -4.79 11.74 -12.92
CA ASN A 211 -5.37 12.07 -11.62
C ASN A 211 -4.36 12.11 -10.43
N ALA A 212 -3.23 11.47 -10.60
CA ALA A 212 -2.26 11.39 -9.52
C ALA A 212 -1.86 12.68 -8.83
N ARG A 213 -1.40 13.66 -9.61
CA ARG A 213 -0.91 14.91 -9.04
C ARG A 213 -1.79 15.63 -8.03
N THR A 214 -3.08 15.66 -8.31
CA THR A 214 -4.06 16.31 -7.43
C THR A 214 -4.27 15.54 -6.17
N LEU A 215 -4.27 14.20 -6.30
CA LEU A 215 -4.45 13.35 -5.15
C LEU A 215 -3.30 13.56 -4.19
N TYR A 216 -2.09 13.44 -4.75
CA TYR A 216 -0.90 13.63 -3.99
C TYR A 216 -0.80 14.98 -3.28
N GLN A 217 -1.43 15.99 -3.83
CA GLN A 217 -1.37 17.30 -3.22
C GLN A 217 -2.13 17.42 -1.90
N GLN A 218 -3.03 16.46 -1.65
CA GLN A 218 -3.80 16.44 -0.43
C GLN A 218 -2.90 16.25 0.72
N ARG A 219 -3.20 16.96 1.78
CA ARG A 219 -2.40 16.98 2.97
C ARG A 219 -2.06 15.65 3.58
N ASP A 220 -2.96 14.71 3.52
CA ASP A 220 -2.71 13.44 4.16
C ASP A 220 -2.38 12.28 3.22
N VAL A 221 -2.08 12.56 1.97
CA VAL A 221 -1.77 11.50 1.05
C VAL A 221 -0.27 11.39 0.90
N ASN A 222 0.28 10.18 1.16
CA ASN A 222 1.71 9.95 1.07
C ASN A 222 2.13 9.05 -0.08
N GLY A 223 1.29 8.90 -1.09
CA GLY A 223 1.65 8.05 -2.20
C GLY A 223 0.51 7.13 -2.67
N PHE A 224 0.86 6.12 -3.47
CA PHE A 224 -0.16 5.28 -4.02
C PHE A 224 0.18 3.83 -4.14
N LEU A 225 -0.93 3.07 -4.24
CA LEU A 225 -0.93 1.66 -4.53
C LEU A 225 -1.64 1.59 -5.89
N VAL A 226 -0.89 1.23 -6.90
CA VAL A 226 -1.36 1.26 -8.28
C VAL A 226 -1.39 -0.08 -8.98
N GLY A 227 -2.54 -0.42 -9.48
CA GLY A 227 -2.67 -1.64 -10.21
C GLY A 227 -2.46 -1.48 -11.73
N GLY A 228 -3.55 -1.12 -12.44
CA GLY A 228 -3.61 -1.00 -13.88
C GLY A 228 -2.60 -0.08 -14.50
N ALA A 229 -2.55 1.14 -14.00
CA ALA A 229 -1.64 2.13 -14.50
C ALA A 229 -0.15 1.71 -14.30
N SER A 230 0.09 0.72 -13.41
CA SER A 230 1.46 0.23 -13.15
C SER A 230 1.93 -0.74 -14.23
N LEU A 231 1.02 -1.17 -15.07
CA LEU A 231 1.41 -2.06 -16.10
C LEU A 231 1.70 -1.25 -17.34
N LYS A 232 1.74 0.08 -17.17
CA LYS A 232 2.00 0.97 -18.27
C LYS A 232 3.13 1.93 -17.93
N PRO A 233 3.61 2.62 -18.93
CA PRO A 233 4.65 3.57 -18.74
C PRO A 233 4.17 4.77 -17.97
N GLU A 234 2.87 4.94 -17.87
CA GLU A 234 2.39 6.09 -17.13
C GLU A 234 2.79 6.05 -15.70
N PHE A 235 3.17 4.86 -15.25
CA PHE A 235 3.58 4.66 -13.87
C PHE A 235 4.68 5.64 -13.48
N VAL A 236 5.54 5.87 -14.44
CA VAL A 236 6.64 6.80 -14.26
C VAL A 236 6.13 8.19 -13.89
N ASP A 237 5.01 8.53 -14.50
CA ASP A 237 4.36 9.80 -14.24
C ASP A 237 3.75 9.76 -12.88
N ILE A 238 3.30 8.56 -12.51
CA ILE A 238 2.76 8.40 -11.18
C ILE A 238 3.86 8.68 -10.19
N ILE A 239 5.02 8.06 -10.40
CA ILE A 239 6.18 8.30 -9.53
C ILE A 239 6.46 9.82 -9.42
N LYS A 240 6.51 10.52 -10.55
CA LYS A 240 6.79 11.97 -10.53
C LYS A 240 5.75 12.83 -9.80
N ALA A 241 4.49 12.35 -9.71
CA ALA A 241 3.45 13.10 -9.02
C ALA A 241 3.72 13.20 -7.54
N THR A 242 4.75 12.49 -7.07
CA THR A 242 5.05 12.52 -5.64
C THR A 242 6.15 13.50 -5.32
N GLN A 243 6.55 14.27 -6.33
CA GLN A 243 7.57 15.27 -6.16
C GLN A 243 7.10 16.32 -5.18
C1 PGH B . -4.69 -2.46 -7.00
C2 PGH B . -5.19 -2.08 -8.35
N2 PGH B . -4.81 -1.71 -5.99
O2 PGH B . -4.33 -1.97 -4.79
O1 PGH B . -4.01 -3.60 -6.82
O1P PGH B . -5.94 -0.88 -8.30
O2P PGH B . -7.55 0.57 -9.48
O3P PGH B . -6.11 -0.94 -10.84
O4P PGH B . -5.05 1.07 -9.69
P PGH B . -6.15 -0.03 -9.62
#